data_6J69
#
_entry.id   6J69
#
_cell.length_a   85.443
_cell.length_b   85.443
_cell.length_c   80.566
_cell.angle_alpha   90.00
_cell.angle_beta   90.00
_cell.angle_gamma   90.00
#
_symmetry.space_group_name_H-M   'P 4 21 2'
#
loop_
_entity.id
_entity.type
_entity.pdbx_description
1 polymer 'Protein KIBRA'
2 polymer 'Peptide from Dendrin'
3 water water
#
loop_
_entity_poly.entity_id
_entity_poly.type
_entity_poly.pdbx_seq_one_letter_code
_entity_poly.pdbx_strand_id
1 'polypeptide(L)'
;GPGSEFELPLPEGWEEARDFDGKVYYIDHRNRTTSWIDPRDRYTKPLTFADCISDELPLGWEEAYDPQVGDYFIDHNTKT
TQIEDPRVQWRREQEHMLKDYLVVAQEALSAQKEIYQVKQQRLELAQQEYQQLH
;
A
2 'polypeptide(L)' DRPPPYVAPPSYEGPHRTLGTKRGP B
#
# COMPACT_ATOMS: atom_id res chain seq x y z
N PHE A 6 -22.75 -0.61 3.13
CA PHE A 6 -23.49 -1.21 2.03
C PHE A 6 -22.80 -2.43 1.45
N GLU A 7 -23.58 -3.40 0.99
CA GLU A 7 -22.98 -4.53 0.30
C GLU A 7 -22.98 -4.32 -1.23
N LEU A 8 -21.76 -4.19 -1.75
CA LEU A 8 -21.48 -4.10 -3.19
C LEU A 8 -22.07 -5.25 -3.97
N PRO A 9 -22.63 -4.95 -5.14
CA PRO A 9 -23.12 -5.95 -6.10
C PRO A 9 -22.11 -6.24 -7.21
N LEU A 10 -22.21 -7.41 -7.82
CA LEU A 10 -21.29 -7.78 -8.89
C LEU A 10 -21.32 -6.76 -10.00
N PRO A 11 -20.16 -6.34 -10.47
CA PRO A 11 -20.07 -5.43 -11.61
C PRO A 11 -20.80 -6.00 -12.80
N GLU A 12 -20.98 -5.16 -13.83
CA GLU A 12 -21.74 -5.53 -15.01
C GLU A 12 -21.05 -6.66 -15.74
N GLY A 13 -21.80 -7.72 -16.07
CA GLY A 13 -21.28 -8.82 -16.85
C GLY A 13 -20.29 -9.74 -16.16
N TRP A 14 -20.49 -9.94 -14.85
CA TRP A 14 -19.87 -11.02 -14.11
C TRP A 14 -20.91 -12.04 -13.63
N GLU A 15 -20.43 -13.23 -13.25
CA GLU A 15 -21.29 -14.33 -12.89
C GLU A 15 -20.62 -15.18 -11.85
N GLU A 16 -21.39 -15.71 -10.92
CA GLU A 16 -20.85 -16.68 -9.99
C GLU A 16 -21.05 -18.07 -10.59
N ALA A 17 -20.13 -18.96 -10.26
CA ALA A 17 -20.29 -20.36 -10.63
C ALA A 17 -19.69 -21.23 -9.54
N ARG A 18 -19.99 -22.51 -9.59
CA ARG A 18 -19.46 -23.41 -8.60
C ARG A 18 -18.58 -24.47 -9.23
N ASP A 19 -17.59 -24.84 -8.50
CA ASP A 19 -16.75 -25.90 -8.86
C ASP A 19 -17.40 -27.19 -8.49
N PHE A 20 -16.77 -28.28 -8.86
CA PHE A 20 -17.18 -29.60 -8.43
C PHE A 20 -17.07 -29.67 -6.95
N ASP A 21 -16.03 -29.03 -6.48
CA ASP A 21 -15.69 -28.87 -5.10
C ASP A 21 -16.86 -28.19 -4.43
N GLY A 22 -17.50 -27.29 -5.15
CA GLY A 22 -18.55 -26.50 -4.58
C GLY A 22 -18.06 -25.13 -4.21
N LYS A 23 -16.80 -24.87 -4.49
CA LYS A 23 -16.23 -23.55 -4.26
C LYS A 23 -16.73 -22.56 -5.32
N VAL A 24 -16.89 -21.32 -4.88
CA VAL A 24 -17.31 -20.22 -5.75
C VAL A 24 -16.17 -19.62 -6.56
N TYR A 25 -16.38 -19.46 -7.85
CA TYR A 25 -15.47 -18.64 -8.64
C TYR A 25 -16.24 -17.68 -9.56
N TYR A 26 -15.51 -16.71 -10.11
CA TYR A 26 -16.11 -15.58 -10.78
C TYR A 26 -15.78 -15.57 -12.28
N ILE A 27 -16.84 -15.46 -13.05
CA ILE A 27 -16.75 -15.45 -14.49
C ILE A 27 -16.85 -14.03 -14.98
N ASP A 28 -15.82 -13.57 -15.66
CA ASP A 28 -15.87 -12.24 -16.25
C ASP A 28 -16.10 -12.36 -17.76
N HIS A 29 -17.36 -12.29 -18.17
CA HIS A 29 -17.72 -12.42 -19.59
C HIS A 29 -17.14 -11.36 -20.52
N ARG A 30 -17.03 -10.13 -20.05
CA ARG A 30 -16.52 -9.08 -20.90
C ARG A 30 -15.13 -9.44 -21.39
N ASN A 31 -14.33 -10.01 -20.50
CA ASN A 31 -12.96 -10.36 -20.88
C ASN A 31 -12.70 -11.82 -21.12
N ARG A 32 -13.74 -12.63 -21.01
CA ARG A 32 -13.66 -14.07 -21.30
C ARG A 32 -12.58 -14.71 -20.44
N THR A 33 -12.71 -14.48 -19.15
CA THR A 33 -11.74 -14.92 -18.16
C THR A 33 -12.48 -15.47 -16.90
N THR A 34 -11.80 -16.23 -16.05
CA THR A 34 -12.43 -16.66 -14.79
C THR A 34 -11.49 -16.43 -13.63
N SER A 35 -12.04 -16.42 -12.42
CA SER A 35 -11.21 -16.07 -11.26
C SER A 35 -11.72 -16.61 -9.93
N TRP A 36 -10.78 -16.93 -9.05
CA TRP A 36 -11.09 -17.28 -7.69
C TRP A 36 -11.35 -16.04 -6.87
N ILE A 37 -10.99 -14.89 -7.41
CA ILE A 37 -11.02 -13.65 -6.64
C ILE A 37 -12.25 -12.81 -6.92
N ASP A 38 -13.01 -12.53 -5.87
CA ASP A 38 -14.19 -11.67 -6.00
C ASP A 38 -13.79 -10.28 -6.51
N PRO A 39 -14.41 -9.84 -7.60
CA PRO A 39 -13.91 -8.58 -8.15
C PRO A 39 -14.05 -7.41 -7.19
N ARG A 40 -15.03 -7.41 -6.31
CA ARG A 40 -15.21 -6.24 -5.47
C ARG A 40 -14.20 -6.32 -4.32
N ASP A 41 -13.48 -7.42 -4.22
CA ASP A 41 -12.37 -7.50 -3.26
C ASP A 41 -11.34 -6.39 -3.44
N ARG A 42 -11.30 -5.76 -4.60
CA ARG A 42 -10.30 -4.69 -4.77
C ARG A 42 -10.63 -3.47 -3.91
N TYR A 43 -11.91 -3.26 -3.60
CA TYR A 43 -12.30 -2.14 -2.74
C TYR A 43 -12.34 -2.46 -1.26
N THR A 44 -12.59 -3.73 -0.95
CA THR A 44 -12.85 -4.08 0.43
C THR A 44 -11.70 -4.77 1.13
N LYS A 45 -10.65 -5.09 0.40
CA LYS A 45 -9.56 -5.85 0.98
C LYS A 45 -8.27 -5.04 0.99
N PRO A 46 -7.48 -5.18 2.06
CA PRO A 46 -6.17 -4.56 2.03
C PRO A 46 -5.38 -5.03 0.80
N LEU A 47 -4.60 -4.17 0.17
CA LEU A 47 -3.89 -4.60 -1.01
C LEU A 47 -2.43 -4.98 -0.67
N THR A 48 -2.13 -5.15 0.61
CA THR A 48 -0.76 -5.34 1.09
C THR A 48 -0.79 -5.65 2.56
N PHE A 49 0.17 -6.43 3.05
CA PHE A 49 0.22 -6.71 4.47
C PHE A 49 0.58 -5.49 5.30
N ALA A 50 0.65 -4.32 4.68
CA ALA A 50 0.97 -3.10 5.41
C ALA A 50 -0.16 -2.09 5.29
N ASP A 51 -1.05 -2.36 4.35
CA ASP A 51 -2.27 -1.59 4.09
C ASP A 51 -3.35 -1.75 5.22
N CYS A 52 -4.07 -0.67 5.51
CA CYS A 52 -5.33 -0.73 6.23
C CYS A 52 -6.29 0.03 5.35
N ILE A 53 -7.49 -0.51 5.14
CA ILE A 53 -8.51 0.23 4.40
C ILE A 53 -9.02 1.43 5.22
N SER A 54 -9.03 1.26 6.54
CA SER A 54 -9.58 2.24 7.47
C SER A 54 -8.68 3.43 7.75
N ASP A 55 -9.23 4.63 7.64
CA ASP A 55 -8.52 5.82 8.03
C ASP A 55 -9.14 6.46 9.29
N GLU A 56 -9.63 5.62 10.18
CA GLU A 56 -10.14 6.10 11.45
C GLU A 56 -9.11 6.89 12.22
N LEU A 57 -9.56 7.94 12.88
CA LEU A 57 -8.75 8.59 13.88
C LEU A 57 -8.54 7.61 15.02
N PRO A 58 -7.31 7.55 15.53
CA PRO A 58 -6.97 6.63 16.62
C PRO A 58 -7.61 7.05 17.93
N LEU A 59 -7.67 6.10 18.86
CA LEU A 59 -8.30 6.32 20.16
C LEU A 59 -7.89 7.67 20.81
N GLY A 60 -8.90 8.44 21.22
CA GLY A 60 -8.67 9.71 21.88
C GLY A 60 -8.76 10.93 20.99
N TRP A 61 -8.64 10.72 19.68
CA TRP A 61 -8.78 11.80 18.74
C TRP A 61 -10.21 12.03 18.26
N GLU A 62 -10.54 13.27 17.95
CA GLU A 62 -11.90 13.67 17.58
C GLU A 62 -11.89 14.74 16.47
N GLU A 63 -12.79 14.61 15.49
CA GLU A 63 -13.00 15.64 14.48
C GLU A 63 -13.94 16.67 15.00
N ALA A 64 -13.66 17.93 14.71
CA ALA A 64 -14.50 19.01 15.22
C ALA A 64 -14.58 20.16 14.23
N TYR A 65 -15.68 20.91 14.29
CA TYR A 65 -15.89 22.03 13.40
C TYR A 65 -16.13 23.30 14.18
N ASP A 66 -15.32 24.32 13.91
CA ASP A 66 -15.51 25.65 14.46
C ASP A 66 -15.95 26.58 13.35
N PRO A 67 -17.04 27.32 13.57
CA PRO A 67 -17.66 28.08 12.47
C PRO A 67 -16.71 29.15 11.94
N GLN A 68 -15.99 29.80 12.86
CA GLN A 68 -14.98 30.78 12.51
C GLN A 68 -13.80 30.11 11.80
N VAL A 69 -13.23 29.09 12.43
CA VAL A 69 -11.97 28.51 11.96
C VAL A 69 -12.07 27.30 11.01
N GLY A 70 -13.21 26.61 11.00
CA GLY A 70 -13.35 25.43 10.16
C GLY A 70 -13.10 24.12 10.89
N ASP A 71 -12.86 23.07 10.12
CA ASP A 71 -12.54 21.76 10.69
C ASP A 71 -11.30 21.88 11.55
N TYR A 72 -11.29 21.19 12.68
CA TYR A 72 -10.06 21.05 13.44
C TYR A 72 -10.08 19.73 14.18
N PHE A 73 -9.05 19.46 14.97
CA PHE A 73 -8.93 18.17 15.64
C PHE A 73 -8.58 18.27 17.10
N ILE A 74 -9.30 17.51 17.90
CA ILE A 74 -9.06 17.43 19.34
C ILE A 74 -8.31 16.14 19.72
N ASP A 75 -7.25 16.30 20.51
CA ASP A 75 -6.50 15.19 21.09
C ASP A 75 -6.78 15.14 22.57
N HIS A 76 -7.69 14.26 22.97
CA HIS A 76 -8.06 14.17 24.35
C HIS A 76 -7.01 13.43 25.17
N ASN A 77 -6.09 12.77 24.51
CA ASN A 77 -5.03 12.13 25.25
C ASN A 77 -4.17 13.17 25.93
N THR A 78 -4.01 14.31 25.24
CA THR A 78 -3.07 15.35 25.67
C THR A 78 -3.71 16.70 25.84
N LYS A 79 -5.04 16.73 25.91
CA LYS A 79 -5.78 17.97 26.18
C LYS A 79 -5.32 19.06 25.22
N THR A 80 -5.28 18.69 23.95
CA THR A 80 -4.73 19.54 22.91
C THR A 80 -5.73 19.71 21.76
N THR A 81 -5.60 20.82 21.04
CA THR A 81 -6.27 20.98 19.77
C THR A 81 -5.30 21.46 18.72
N GLN A 82 -5.62 21.13 17.48
CA GLN A 82 -4.83 21.57 16.37
C GLN A 82 -5.66 21.58 15.11
N ILE A 83 -5.12 22.25 14.10
CA ILE A 83 -5.79 22.49 12.84
C ILE A 83 -5.57 21.32 11.91
N GLU A 84 -4.32 20.86 11.86
CA GLU A 84 -3.88 19.89 10.87
C GLU A 84 -4.39 18.51 11.24
N ASP A 85 -4.86 17.78 10.24
CA ASP A 85 -5.22 16.40 10.40
C ASP A 85 -3.98 15.64 10.85
N PRO A 86 -4.03 15.04 12.06
CA PRO A 86 -2.89 14.33 12.62
C PRO A 86 -2.48 13.15 11.76
N ARG A 87 -3.45 12.56 11.08
CA ARG A 87 -3.14 11.49 10.15
C ARG A 87 -2.20 12.03 9.08
N VAL A 88 -2.53 13.21 8.55
CA VAL A 88 -1.73 13.77 7.48
C VAL A 88 -0.34 14.11 7.97
N GLN A 89 -0.24 14.70 9.16
CA GLN A 89 1.06 15.08 9.66
C GLN A 89 1.90 13.83 9.94
N TRP A 90 1.27 12.75 10.38
CA TRP A 90 1.97 11.48 10.55
C TRP A 90 2.64 11.06 9.26
N ARG A 91 1.85 10.95 8.20
CA ARG A 91 2.36 10.49 6.92
C ARG A 91 3.46 11.41 6.44
N ARG A 92 3.35 12.68 6.79
CA ARG A 92 4.33 13.64 6.32
C ARG A 92 5.64 13.39 7.03
N GLU A 93 5.63 13.34 8.36
CA GLU A 93 6.87 13.22 9.09
C GLU A 93 7.40 11.77 9.08
N GLN A 94 6.55 10.81 8.76
CA GLN A 94 7.02 9.48 8.39
C GLN A 94 7.88 9.57 7.12
N GLU A 95 7.34 10.21 6.09
CA GLU A 95 8.04 10.35 4.82
C GLU A 95 9.32 11.17 4.97
N HIS A 96 9.25 12.28 5.71
CA HIS A 96 10.42 13.14 5.90
C HIS A 96 11.54 12.39 6.59
N MET A 97 11.17 11.49 7.50
CA MET A 97 12.14 10.61 8.14
C MET A 97 12.87 9.73 7.12
N LEU A 98 12.11 8.96 6.35
CA LEU A 98 12.69 8.11 5.32
C LEU A 98 13.44 8.91 4.26
N LYS A 99 12.86 10.01 3.81
CA LYS A 99 13.41 10.74 2.69
C LYS A 99 14.80 11.32 2.99
N ASP A 100 15.14 11.50 4.27
CA ASP A 100 16.48 11.98 4.57
C ASP A 100 17.36 10.85 5.15
N TYR A 101 16.72 9.80 5.66
CA TYR A 101 17.47 8.60 6.00
C TYR A 101 18.07 8.03 4.74
N LEU A 102 17.31 8.14 3.67
CA LEU A 102 17.81 7.83 2.36
C LEU A 102 18.99 8.71 1.97
N VAL A 103 18.87 10.00 2.22
CA VAL A 103 19.86 10.92 1.69
C VAL A 103 21.18 10.83 2.42
N VAL A 104 21.19 10.28 3.63
CA VAL A 104 22.45 10.13 4.33
C VAL A 104 23.22 8.92 3.79
N ALA A 105 22.49 7.84 3.52
CA ALA A 105 23.07 6.66 2.89
C ALA A 105 23.73 7.03 1.58
N GLN A 106 23.09 7.93 0.83
CA GLN A 106 23.65 8.43 -0.42
C GLN A 106 24.89 9.25 -0.13
N GLU A 107 24.87 9.96 0.99
CA GLU A 107 26.01 10.79 1.38
C GLU A 107 27.19 9.90 1.76
N ALA A 108 26.88 8.81 2.46
CA ALA A 108 27.88 7.85 2.93
C ALA A 108 28.67 7.21 1.78
N LEU A 109 27.96 6.54 0.87
CA LEU A 109 28.56 5.94 -0.30
C LEU A 109 29.35 6.96 -1.08
N SER A 110 28.74 8.13 -1.29
CA SER A 110 29.37 9.21 -2.04
C SER A 110 30.78 9.52 -1.50
N ALA A 111 30.90 9.46 -0.19
CA ALA A 111 32.16 9.75 0.49
C ALA A 111 33.11 8.58 0.41
N GLN A 112 32.61 7.39 0.72
CA GLN A 112 33.47 6.23 0.73
C GLN A 112 33.95 5.95 -0.70
N LYS A 113 33.09 6.11 -1.69
CA LYS A 113 33.56 6.02 -3.08
C LYS A 113 34.67 7.02 -3.32
N GLU A 114 34.54 8.19 -2.70
CA GLU A 114 35.49 9.29 -2.84
C GLU A 114 36.84 8.98 -2.16
N ILE A 115 36.76 8.45 -0.95
CA ILE A 115 37.95 8.15 -0.14
C ILE A 115 38.89 7.15 -0.83
N TYR A 116 38.39 6.37 -1.78
CA TYR A 116 39.26 5.47 -2.54
C TYR A 116 39.62 6.09 -3.87
N GLN A 117 38.79 7.01 -4.35
CA GLN A 117 39.11 7.71 -5.59
C GLN A 117 40.27 8.66 -5.30
N VAL A 118 40.38 9.05 -4.03
CA VAL A 118 41.48 9.91 -3.57
C VAL A 118 42.82 9.20 -3.60
N LYS A 119 42.86 7.94 -3.17
CA LYS A 119 44.11 7.19 -3.16
C LYS A 119 44.72 7.10 -4.57
N GLN A 120 43.85 7.08 -5.59
CA GLN A 120 44.27 7.09 -7.01
C GLN A 120 44.63 8.49 -7.52
N GLN A 121 43.71 9.42 -7.35
CA GLN A 121 43.87 10.80 -7.82
C GLN A 121 45.12 11.47 -7.23
N ARG A 122 45.43 11.15 -5.96
CA ARG A 122 46.62 11.67 -5.28
C ARG A 122 47.91 11.08 -5.83
N LEU A 123 47.92 9.77 -6.06
CA LEU A 123 49.07 9.09 -6.67
C LEU A 123 49.35 9.61 -8.08
N GLU A 124 48.32 10.21 -8.69
CA GLU A 124 48.39 10.73 -10.04
C GLU A 124 49.21 12.01 -10.13
N LEU A 125 48.97 12.96 -9.21
CA LEU A 125 49.63 14.26 -9.27
C LEU A 125 51.16 14.19 -9.08
N ALA A 126 51.63 13.08 -8.49
CA ALA A 126 53.06 12.86 -8.26
C ALA A 126 53.89 12.91 -9.55
N GLN A 127 53.41 12.23 -10.59
CA GLN A 127 54.05 12.24 -11.91
C GLN A 127 54.31 13.68 -12.36
N GLN A 128 53.32 14.54 -12.15
CA GLN A 128 53.48 15.98 -12.37
C GLN A 128 54.50 16.57 -11.37
N GLU A 129 55.78 16.38 -11.67
CA GLU A 129 56.87 16.83 -10.79
C GLU A 129 58.02 17.42 -11.61
N ASP B 1 3.97 -30.06 7.13
CA ASP B 1 3.71 -31.04 6.08
C ASP B 1 3.79 -30.38 4.69
N ARG B 2 3.18 -30.99 3.67
CA ARG B 2 3.13 -30.39 2.33
C ARG B 2 1.72 -29.85 2.04
N PRO B 3 1.62 -28.58 1.59
CA PRO B 3 0.30 -28.03 1.31
C PRO B 3 -0.24 -28.57 0.00
N PRO B 4 -1.58 -28.63 -0.15
CA PRO B 4 -2.14 -29.06 -1.43
C PRO B 4 -1.68 -28.16 -2.58
N PRO B 5 -1.45 -28.72 -3.76
CA PRO B 5 -0.97 -27.88 -4.85
C PRO B 5 -2.03 -26.89 -5.34
N TYR B 6 -1.58 -25.83 -5.99
CA TYR B 6 -2.48 -24.81 -6.47
C TYR B 6 -3.45 -25.32 -7.54
N VAL B 7 -4.71 -24.94 -7.42
CA VAL B 7 -5.75 -25.30 -8.37
C VAL B 7 -6.30 -24.06 -9.08
N ALA B 8 -6.26 -24.04 -10.41
CA ALA B 8 -6.82 -22.93 -11.16
C ALA B 8 -8.34 -23.06 -11.27
N PRO B 9 -9.03 -21.98 -11.62
CA PRO B 9 -10.48 -22.16 -11.75
C PRO B 9 -10.81 -22.60 -13.15
N PRO B 10 -11.99 -23.21 -13.34
CA PRO B 10 -12.41 -23.63 -14.69
C PRO B 10 -12.16 -22.52 -15.68
N SER B 11 -11.58 -22.85 -16.82
CA SER B 11 -11.28 -21.90 -17.85
C SER B 11 -12.57 -21.36 -18.44
N TYR B 12 -12.51 -20.15 -19.02
CA TYR B 12 -13.72 -19.51 -19.53
C TYR B 12 -14.45 -20.36 -20.56
N GLU B 13 -13.73 -20.72 -21.60
CA GLU B 13 -14.28 -21.54 -22.67
C GLU B 13 -14.52 -22.93 -22.09
N GLY B 14 -15.78 -23.35 -22.12
CA GLY B 14 -16.15 -24.60 -21.50
C GLY B 14 -17.39 -24.46 -20.63
N PRO B 15 -17.82 -25.58 -20.04
CA PRO B 15 -19.05 -25.62 -19.24
C PRO B 15 -18.86 -25.09 -17.82
N HIS B 16 -19.90 -24.42 -17.30
CA HIS B 16 -19.91 -23.79 -15.96
C HIS B 16 -21.21 -24.05 -15.22
N ARG B 17 -21.12 -24.43 -13.94
CA ARG B 17 -22.32 -24.62 -13.14
C ARG B 17 -22.73 -23.30 -12.50
N THR B 18 -23.80 -22.71 -13.01
CA THR B 18 -24.30 -21.41 -12.54
C THR B 18 -25.73 -21.54 -12.01
#